data_6QPL
#
_entry.id   6QPL
#
_cell.length_a   115.300
_cell.length_b   115.300
_cell.length_c   43.590
_cell.angle_alpha   90.000
_cell.angle_beta   90.000
_cell.angle_gamma   90.000
#
_symmetry.space_group_name_H-M   'P 43 21 2'
#
loop_
_entity.id
_entity.type
_entity.pdbx_description
1 polymer Spindlin-1
2 non-polymer (4S)-2-METHYL-2,4-PENTANEDIOL
3 non-polymer 'DIMETHYL SULFOXIDE'
4 non-polymer [3-(aminomethyl)-5-[3-(1,3-dihydroisoindol-2-yl)propoxy]-4-methoxy-phenyl]methanamine
5 non-polymer GLYCINE
6 non-polymer 'PHOSPHATE ION'
7 non-polymer GLYCEROL
8 water water
#
_entity_poly.entity_id   1
_entity_poly.type   'polypeptide(L)'
_entity_poly.pdbx_seq_one_letter_code
;MPRRNIVGCRIQHGWKEGNGPVTQWKGTVLDQVPVNPSLYLIKYDGFDCVYGLELNKDERVSALEVLPDRVATSRISDAH
LADTMIGKAVEHMFETEDGSKDEWRGMVLARAPVMNTWFYITYEKDPVLYMYQLLDDYKEGDLRIMPDSNDSPPAEREPG
EVVDSLVGKQVEYAKEDGSKRTGMVIHQVEAKPSVYFIKFDDDFHIYVYDLVKTSAENLYFQ
;
_entity_poly.pdbx_strand_id   B
#
loop_
_chem_comp.id
_chem_comp.type
_chem_comp.name
_chem_comp.formula
DMS non-polymer 'DIMETHYL SULFOXIDE' 'C2 H6 O S'
GOL non-polymer GLYCEROL 'C3 H8 O3'
JC5 non-polymer [3-(aminomethyl)-5-[3-(1,3-dihydroisoindol-2-yl)propoxy]-4-methoxy-phenyl]methanamine 'C20 H27 N3 O2'
MPD non-polymer (4S)-2-METHYL-2,4-PENTANEDIOL 'C6 H14 O2'
PO4 non-polymer 'PHOSPHATE ION' 'O4 P -3'
#
# COMPACT_ATOMS: atom_id res chain seq x y z
CA ASN A 5 10.27 -5.70 -16.26
C ASN A 5 8.78 -6.00 -16.28
N ILE A 6 8.28 -6.62 -15.19
CA ILE A 6 6.86 -6.96 -15.09
C ILE A 6 6.02 -5.81 -14.54
N VAL A 7 6.62 -4.65 -14.29
CA VAL A 7 5.84 -3.50 -13.83
C VAL A 7 4.83 -3.14 -14.92
N GLY A 8 3.60 -2.91 -14.50
CA GLY A 8 2.52 -2.62 -15.42
C GLY A 8 1.79 -3.85 -15.92
N CYS A 9 2.35 -5.02 -15.73
CA CYS A 9 1.72 -6.26 -16.14
C CYS A 9 0.66 -6.67 -15.14
N ARG A 10 -0.27 -7.46 -15.63
CA ARG A 10 -1.15 -8.21 -14.75
C ARG A 10 -0.56 -9.60 -14.57
N ILE A 11 -0.73 -10.14 -13.36
CA ILE A 11 -0.11 -11.41 -13.00
C ILE A 11 -1.14 -12.26 -12.27
N GLN A 12 -0.87 -13.56 -12.26
CA GLN A 12 -1.57 -14.46 -11.37
C GLN A 12 -0.57 -15.43 -10.79
N HIS A 13 -0.88 -15.90 -9.58
CA HIS A 13 -0.01 -16.86 -8.91
C HIS A 13 -0.77 -17.57 -7.80
N GLY A 14 -0.20 -18.70 -7.40
CA GLY A 14 -0.66 -19.38 -6.22
C GLY A 14 0.06 -18.88 -4.98
N TRP A 15 -0.57 -19.11 -3.85
CA TRP A 15 -0.06 -18.66 -2.56
C TRP A 15 -0.28 -19.77 -1.55
N LYS A 16 0.75 -20.10 -0.78
CA LYS A 16 0.65 -21.16 0.21
C LYS A 16 1.51 -20.81 1.41
N GLU A 17 0.91 -20.81 2.59
CA GLU A 17 1.65 -20.57 3.83
C GLU A 17 1.72 -21.86 4.63
N GLY A 18 2.94 -22.30 4.93
CA GLY A 18 3.12 -23.52 5.69
C GLY A 18 2.53 -24.70 4.94
N ASN A 19 1.76 -25.51 5.67
CA ASN A 19 1.05 -26.65 5.10
C ASN A 19 -0.39 -26.31 4.73
N GLY A 20 -0.72 -25.02 4.61
CA GLY A 20 -2.07 -24.61 4.31
C GLY A 20 -2.43 -24.81 2.85
N PRO A 21 -3.68 -24.52 2.52
CA PRO A 21 -4.11 -24.69 1.13
C PRO A 21 -3.51 -23.64 0.21
N VAL A 22 -3.44 -23.99 -1.07
CA VAL A 22 -3.00 -23.07 -2.10
C VAL A 22 -4.19 -22.23 -2.53
N THR A 23 -4.05 -20.92 -2.48
CA THR A 23 -5.06 -20.02 -3.02
C THR A 23 -4.51 -19.31 -4.26
N GLN A 24 -5.42 -18.91 -5.14
CA GLN A 24 -5.10 -18.31 -6.44
C GLN A 24 -5.43 -16.82 -6.42
N TRP A 25 -4.50 -16.02 -6.94
CA TRP A 25 -4.55 -14.56 -6.84
C TRP A 25 -4.29 -13.95 -8.22
N LYS A 26 -5.03 -12.89 -8.56
CA LYS A 26 -4.78 -12.11 -9.77
C LYS A 26 -4.59 -10.65 -9.38
N GLY A 27 -3.65 -9.98 -10.04
CA GLY A 27 -3.36 -8.61 -9.64
C GLY A 27 -2.59 -7.85 -10.70
N THR A 28 -2.26 -6.62 -10.35
CA THR A 28 -1.57 -5.70 -11.23
C THR A 28 -0.29 -5.25 -10.54
N VAL A 29 0.84 -5.31 -11.24
CA VAL A 29 2.11 -4.87 -10.67
C VAL A 29 2.24 -3.37 -10.86
N LEU A 30 2.35 -2.64 -9.74
CA LEU A 30 2.36 -1.19 -9.72
C LEU A 30 3.76 -0.58 -9.75
N ASP A 31 4.75 -1.27 -9.20
CA ASP A 31 6.00 -0.60 -8.85
C ASP A 31 7.05 -1.66 -8.55
N GLN A 32 8.25 -1.44 -9.05
CA GLN A 32 9.46 -2.14 -8.62
C GLN A 32 10.25 -1.14 -7.79
N VAL A 33 10.40 -1.42 -6.50
CA VAL A 33 10.87 -0.42 -5.56
C VAL A 33 12.33 -0.09 -5.83
N PRO A 34 12.67 1.17 -6.11
CA PRO A 34 14.07 1.47 -6.48
C PRO A 34 15.10 1.06 -5.43
N VAL A 35 14.82 1.27 -4.15
CA VAL A 35 15.81 0.91 -3.13
C VAL A 35 15.85 -0.58 -2.84
N ASN A 36 14.90 -1.35 -3.37
CA ASN A 36 14.93 -2.80 -3.25
C ASN A 36 14.25 -3.39 -4.47
N PRO A 37 15.00 -3.57 -5.56
CA PRO A 37 14.39 -4.01 -6.82
C PRO A 37 13.80 -5.41 -6.79
N SER A 38 14.03 -6.17 -5.72
CA SER A 38 13.32 -7.44 -5.54
C SER A 38 11.90 -7.23 -5.09
N LEU A 39 11.57 -6.05 -4.58
CA LEU A 39 10.27 -5.80 -3.97
C LEU A 39 9.33 -5.18 -5.00
N TYR A 40 8.22 -5.86 -5.26
CA TYR A 40 7.17 -5.37 -6.13
C TYR A 40 5.96 -4.99 -5.30
N LEU A 41 5.36 -3.86 -5.64
CA LEU A 41 4.09 -3.47 -5.07
C LEU A 41 2.98 -3.90 -6.04
N ILE A 42 1.93 -4.51 -5.48
CA ILE A 42 0.91 -5.22 -6.25
C ILE A 42 -0.46 -4.84 -5.72
N LYS A 43 -1.39 -4.60 -6.65
CA LYS A 43 -2.81 -4.42 -6.33
C LYS A 43 -3.53 -5.68 -6.79
N TYR A 44 -4.10 -6.44 -5.84
CA TYR A 44 -4.86 -7.62 -6.18
C TYR A 44 -6.32 -7.27 -6.45
N ASP A 45 -6.88 -7.90 -7.48
CA ASP A 45 -8.26 -7.65 -7.89
C ASP A 45 -9.18 -7.84 -6.70
N GLY A 46 -9.99 -6.82 -6.41
CA GLY A 46 -11.00 -6.90 -5.36
C GLY A 46 -10.50 -6.61 -3.96
N PHE A 47 -9.19 -6.50 -3.74
CA PHE A 47 -8.62 -6.19 -2.44
C PHE A 47 -8.02 -4.80 -2.45
N ASP A 48 -8.28 -4.03 -1.39
CA ASP A 48 -8.05 -2.59 -1.44
C ASP A 48 -6.66 -2.17 -0.98
N CYS A 49 -5.91 -3.03 -0.30
CA CYS A 49 -4.57 -2.65 0.14
C CYS A 49 -3.57 -2.85 -0.99
N VAL A 50 -2.46 -2.13 -0.88
CA VAL A 50 -1.29 -2.33 -1.73
C VAL A 50 -0.34 -3.28 -1.02
N TYR A 51 0.03 -4.36 -1.69
CA TYR A 51 0.86 -5.39 -1.10
C TYR A 51 2.26 -5.37 -1.67
N GLY A 52 3.22 -5.73 -0.84
CA GLY A 52 4.59 -5.84 -1.29
C GLY A 52 5.12 -7.25 -1.14
N LEU A 53 5.61 -7.81 -2.26
CA LEU A 53 6.19 -9.14 -2.26
C LEU A 53 7.54 -9.11 -2.97
N GLU A 54 8.51 -9.82 -2.39
N GLU A 54 8.52 -9.83 -2.39
CA GLU A 54 9.79 -10.06 -3.06
CA GLU A 54 9.78 -10.05 -3.07
C GLU A 54 9.63 -11.32 -3.90
C GLU A 54 9.63 -11.32 -3.90
N LEU A 55 9.11 -11.12 -5.11
CA LEU A 55 8.64 -12.24 -5.92
C LEU A 55 9.77 -13.19 -6.30
N ASN A 56 11.00 -12.70 -6.39
CA ASN A 56 12.09 -13.56 -6.81
C ASN A 56 12.57 -14.51 -5.72
N LYS A 57 12.08 -14.37 -4.49
CA LYS A 57 12.57 -15.21 -3.40
C LYS A 57 11.51 -15.64 -2.40
N ASP A 58 10.26 -15.22 -2.55
CA ASP A 58 9.23 -15.59 -1.58
C ASP A 58 8.68 -16.96 -1.96
N GLU A 59 9.03 -17.99 -1.18
CA GLU A 59 8.66 -19.35 -1.55
C GLU A 59 7.17 -19.61 -1.37
N ARG A 60 6.42 -18.66 -0.81
CA ARG A 60 4.97 -18.81 -0.73
C ARG A 60 4.30 -18.59 -2.08
N VAL A 61 5.01 -17.98 -3.03
CA VAL A 61 4.51 -17.71 -4.38
C VAL A 61 4.85 -18.90 -5.26
N SER A 62 3.84 -19.40 -5.98
CA SER A 62 4.01 -20.48 -6.93
C SER A 62 3.34 -20.13 -8.25
N ALA A 63 3.85 -20.74 -9.32
CA ALA A 63 3.21 -20.70 -10.63
C ALA A 63 2.89 -19.26 -11.05
N LEU A 64 3.88 -18.39 -10.92
CA LEU A 64 3.71 -17.00 -11.32
C LEU A 64 3.61 -16.90 -12.84
N GLU A 65 2.51 -16.32 -13.30
N GLU A 65 2.51 -16.32 -13.30
CA GLU A 65 2.24 -16.16 -14.72
CA GLU A 65 2.25 -16.16 -14.72
C GLU A 65 1.94 -14.69 -15.01
C GLU A 65 1.91 -14.71 -15.03
N VAL A 66 2.35 -14.26 -16.19
CA VAL A 66 1.97 -12.95 -16.70
C VAL A 66 0.70 -13.14 -17.52
N LEU A 67 -0.32 -12.35 -17.20
CA LEU A 67 -1.58 -12.45 -17.91
C LEU A 67 -1.53 -11.58 -19.16
N PRO A 68 -2.35 -11.94 -20.16
CA PRO A 68 -2.41 -11.16 -21.39
C PRO A 68 -2.70 -9.69 -21.09
N ASP A 69 -2.12 -8.82 -21.92
CA ASP A 69 -2.14 -7.39 -21.66
C ASP A 69 -3.56 -6.86 -21.57
N ARG A 70 -3.84 -6.11 -20.50
CA ARG A 70 -5.09 -5.39 -20.37
C ARG A 70 -4.80 -3.90 -20.20
N VAL A 71 -4.58 -3.48 -18.96
CA VAL A 71 -4.24 -2.09 -18.68
C VAL A 71 -3.28 -2.01 -17.49
N LEU A 81 -6.83 18.84 -13.06
CA LEU A 81 -7.11 17.46 -12.71
C LEU A 81 -7.59 17.33 -11.28
N ALA A 82 -7.90 16.10 -10.87
CA ALA A 82 -8.19 15.78 -9.49
C ALA A 82 -6.93 15.67 -8.64
N ASP A 83 -5.77 16.09 -9.17
CA ASP A 83 -4.56 16.17 -8.37
C ASP A 83 -4.74 17.08 -7.17
N THR A 84 -5.74 17.96 -7.19
CA THR A 84 -5.98 18.83 -6.06
C THR A 84 -6.28 18.06 -4.79
N MET A 85 -6.69 16.79 -4.91
CA MET A 85 -6.98 15.96 -3.74
C MET A 85 -5.72 15.49 -3.04
N ILE A 86 -4.58 15.51 -3.71
CA ILE A 86 -3.37 14.94 -3.12
C ILE A 86 -2.95 15.78 -1.93
N GLY A 87 -2.66 15.11 -0.81
CA GLY A 87 -2.30 15.80 0.41
C GLY A 87 -3.46 16.20 1.29
N LYS A 88 -4.69 16.00 0.84
CA LYS A 88 -5.85 16.44 1.60
C LYS A 88 -6.23 15.42 2.66
N ALA A 89 -6.62 15.93 3.83
CA ALA A 89 -7.37 15.13 4.77
C ALA A 89 -8.77 14.90 4.23
N VAL A 90 -9.26 13.67 4.40
CA VAL A 90 -10.57 13.31 3.85
C VAL A 90 -11.34 12.44 4.84
N GLU A 91 -12.65 12.42 4.64
CA GLU A 91 -13.53 11.45 5.26
C GLU A 91 -14.09 10.57 4.14
N HIS A 92 -13.77 9.28 4.21
CA HIS A 92 -14.07 8.32 3.15
C HIS A 92 -15.20 7.42 3.62
N MET A 93 -16.39 7.59 3.02
CA MET A 93 -17.59 6.88 3.44
C MET A 93 -17.68 5.57 2.68
N PHE A 94 -18.32 4.58 3.30
CA PHE A 94 -18.43 3.27 2.67
C PHE A 94 -19.63 2.51 3.24
N GLU A 95 -20.10 1.56 2.44
CA GLU A 95 -21.25 0.73 2.79
C GLU A 95 -20.78 -0.48 3.58
N THR A 96 -21.54 -0.85 4.61
CA THR A 96 -21.14 -1.91 5.53
C THR A 96 -21.92 -3.20 5.27
N GLU A 97 -21.43 -4.27 5.87
CA GLU A 97 -22.00 -5.61 5.68
C GLU A 97 -23.47 -5.68 6.09
N ASP A 98 -24.00 -4.68 6.79
CA ASP A 98 -25.38 -4.68 7.22
C ASP A 98 -26.21 -3.58 6.58
N GLY A 99 -25.67 -2.86 5.59
CA GLY A 99 -26.38 -1.82 4.90
C GLY A 99 -26.12 -0.41 5.42
N SER A 100 -25.73 -0.28 6.69
CA SER A 100 -25.44 1.03 7.24
C SER A 100 -24.18 1.61 6.62
N LYS A 101 -24.11 2.94 6.59
CA LYS A 101 -22.94 3.65 6.11
C LYS A 101 -22.00 3.97 7.25
N ASP A 102 -20.71 3.83 7.00
CA ASP A 102 -19.67 4.15 7.97
C ASP A 102 -18.66 5.07 7.27
N GLU A 103 -17.63 5.49 7.98
CA GLU A 103 -16.61 6.33 7.39
C GLU A 103 -15.30 6.12 8.12
N TRP A 104 -14.20 6.27 7.39
CA TRP A 104 -12.85 6.36 7.93
C TRP A 104 -12.23 7.67 7.48
N ARG A 105 -11.56 8.36 8.40
CA ARG A 105 -10.82 9.55 8.05
C ARG A 105 -9.38 9.19 7.73
N GLY A 106 -8.84 9.86 6.71
CA GLY A 106 -7.47 9.61 6.31
C GLY A 106 -6.90 10.73 5.48
N MET A 107 -5.85 10.41 4.72
N MET A 107 -5.84 10.41 4.74
CA MET A 107 -5.14 11.40 3.92
CA MET A 107 -5.12 11.37 3.92
C MET A 107 -4.83 10.80 2.56
C MET A 107 -4.89 10.76 2.54
N VAL A 108 -5.12 11.57 1.50
CA VAL A 108 -4.76 11.17 0.15
C VAL A 108 -3.26 11.42 0.00
N LEU A 109 -2.53 10.37 -0.40
CA LEU A 109 -1.08 10.44 -0.40
C LEU A 109 -0.51 10.81 -1.76
N ALA A 110 -1.05 10.20 -2.83
CA ALA A 110 -0.46 10.35 -4.16
C ALA A 110 -1.40 9.69 -5.16
N ARG A 111 -1.20 10.03 -6.44
CA ARG A 111 -1.77 9.24 -7.51
C ARG A 111 -1.01 7.92 -7.59
N ALA A 112 -1.76 6.83 -7.74
CA ALA A 112 -1.12 5.53 -7.92
C ALA A 112 -0.39 5.44 -9.25
N PRO A 113 0.74 4.73 -9.30
CA PRO A 113 1.38 4.44 -10.57
C PRO A 113 0.61 3.35 -11.32
N VAL A 114 0.83 3.32 -12.63
CA VAL A 114 0.30 2.29 -13.53
C VAL A 114 -1.21 2.39 -13.64
N MET A 115 -1.90 2.23 -12.51
CA MET A 115 -3.36 2.41 -12.46
C MET A 115 -3.62 3.86 -12.08
N ASN A 116 -3.45 4.75 -13.06
CA ASN A 116 -3.29 6.18 -12.79
C ASN A 116 -4.58 6.91 -12.42
N THR A 117 -5.76 6.32 -12.66
CA THR A 117 -7.00 6.91 -12.15
C THR A 117 -7.24 6.58 -10.69
N TRP A 118 -6.36 5.80 -10.08
CA TRP A 118 -6.45 5.43 -8.69
C TRP A 118 -5.51 6.29 -7.85
N PHE A 119 -5.80 6.34 -6.56
CA PHE A 119 -5.06 7.14 -5.60
C PHE A 119 -4.61 6.28 -4.43
N TYR A 120 -3.38 6.52 -3.99
CA TYR A 120 -2.88 6.00 -2.72
C TYR A 120 -3.48 6.82 -1.58
N ILE A 121 -3.95 6.13 -0.54
CA ILE A 121 -4.60 6.74 0.61
C ILE A 121 -4.31 5.86 1.83
N THR A 122 -4.25 6.46 3.01
CA THR A 122 -4.15 5.70 4.25
C THR A 122 -5.08 6.33 5.28
N TYR A 123 -5.27 5.63 6.40
CA TYR A 123 -6.30 5.97 7.37
C TYR A 123 -5.77 5.83 8.79
N GLU A 124 -6.27 6.69 9.69
CA GLU A 124 -5.88 6.57 11.09
C GLU A 124 -6.28 5.21 11.66
N LYS A 125 -7.41 4.66 11.23
CA LYS A 125 -7.87 3.39 11.80
C LYS A 125 -7.13 2.20 11.22
N ASP A 126 -6.41 2.37 10.12
CA ASP A 126 -5.59 1.29 9.58
C ASP A 126 -4.50 1.92 8.72
N PRO A 127 -3.37 2.31 9.33
CA PRO A 127 -2.34 3.12 8.65
C PRO A 127 -1.41 2.29 7.78
N VAL A 128 -2.01 1.57 6.84
CA VAL A 128 -1.29 0.88 5.79
C VAL A 128 -1.76 1.49 4.47
N LEU A 129 -1.10 1.08 3.41
CA LEU A 129 -1.33 1.69 2.11
C LEU A 129 -2.54 1.06 1.45
N TYR A 130 -3.49 1.91 1.07
CA TYR A 130 -4.69 1.53 0.34
C TYR A 130 -4.71 2.24 -1.01
N MET A 131 -5.60 1.75 -1.87
CA MET A 131 -5.71 2.25 -3.23
C MET A 131 -7.17 2.26 -3.66
N TYR A 132 -7.70 3.43 -4.03
CA TYR A 132 -9.11 3.55 -4.41
C TYR A 132 -9.28 4.53 -5.57
N GLN A 133 -10.41 4.38 -6.28
CA GLN A 133 -10.78 5.30 -7.36
C GLN A 133 -11.51 6.48 -6.74
N LEU A 134 -10.73 7.36 -6.12
CA LEU A 134 -11.30 8.38 -5.25
C LEU A 134 -12.12 9.41 -6.01
N LEU A 135 -11.84 9.64 -7.29
CA LEU A 135 -12.67 10.60 -8.01
C LEU A 135 -14.07 10.03 -8.24
N ASP A 136 -14.18 8.72 -8.47
CA ASP A 136 -15.50 8.09 -8.55
C ASP A 136 -16.22 8.21 -7.21
N ASP A 137 -15.53 7.89 -6.10
CA ASP A 137 -16.17 7.99 -4.80
C ASP A 137 -16.60 9.42 -4.52
N TYR A 138 -15.77 10.40 -4.90
CA TYR A 138 -16.15 11.79 -4.70
C TYR A 138 -17.42 12.12 -5.48
N LYS A 139 -17.51 11.72 -6.74
CA LYS A 139 -18.71 12.03 -7.53
C LYS A 139 -19.93 11.35 -6.96
N GLU A 140 -19.76 10.23 -6.28
CA GLU A 140 -20.88 9.49 -5.70
C GLU A 140 -21.26 9.99 -4.31
N GLY A 141 -20.62 11.03 -3.82
CA GLY A 141 -20.90 11.55 -2.49
C GLY A 141 -20.26 10.79 -1.34
N ASP A 142 -19.26 9.97 -1.63
CA ASP A 142 -18.60 9.16 -0.60
C ASP A 142 -17.24 9.68 -0.17
N LEU A 143 -16.87 10.90 -0.57
CA LEU A 143 -15.57 11.45 -0.18
C LEU A 143 -15.73 12.91 0.17
N ARG A 144 -15.49 13.22 1.43
CA ARG A 144 -15.54 14.60 1.91
C ARG A 144 -14.11 15.08 2.04
N ILE A 145 -13.79 16.18 1.34
CA ILE A 145 -12.47 16.79 1.41
C ILE A 145 -12.48 17.81 2.54
N MET A 146 -11.52 17.68 3.45
CA MET A 146 -11.47 18.59 4.59
C MET A 146 -10.77 19.89 4.21
N PRO A 147 -11.17 21.03 4.81
CA PRO A 147 -10.55 22.32 4.48
C PRO A 147 -9.05 22.36 4.78
N SER A 165 16.02 12.14 3.09
CA SER A 165 16.94 11.14 2.56
C SER A 165 16.86 9.84 3.36
N LEU A 166 15.73 9.64 4.05
CA LEU A 166 15.53 8.41 4.79
C LEU A 166 15.17 7.22 3.91
N VAL A 167 14.75 7.47 2.67
CA VAL A 167 14.41 6.37 1.79
C VAL A 167 15.64 5.49 1.60
N GLY A 168 15.48 4.19 1.78
CA GLY A 168 16.57 3.24 1.70
C GLY A 168 17.17 2.86 3.03
N LYS A 169 16.87 3.60 4.09
CA LYS A 169 17.41 3.30 5.41
C LYS A 169 16.68 2.12 6.04
N GLN A 170 17.41 1.41 6.89
CA GLN A 170 16.82 0.37 7.72
C GLN A 170 16.05 1.01 8.85
N VAL A 171 14.99 0.33 9.28
CA VAL A 171 14.15 0.78 10.38
C VAL A 171 13.95 -0.40 11.32
N GLU A 172 13.87 -0.09 12.60
CA GLU A 172 13.51 -1.08 13.60
C GLU A 172 12.53 -0.45 14.56
N TYR A 173 11.70 -1.31 15.15
N TYR A 173 11.58 -1.22 15.05
CA TYR A 173 10.61 -0.97 16.04
CA TYR A 173 10.87 -0.72 16.21
C TYR A 173 10.70 -1.91 17.24
C TYR A 173 10.77 -1.83 17.23
N ALA A 174 10.79 -1.37 18.47
CA ALA A 174 10.83 -2.18 19.66
C ALA A 174 10.46 -1.25 20.79
N ASP A 177 6.69 -4.81 25.85
CA ASP A 177 8.11 -4.58 25.64
C ASP A 177 8.79 -5.83 25.11
N GLY A 178 9.65 -5.65 24.11
CA GLY A 178 10.35 -6.75 23.47
C GLY A 178 10.01 -6.96 22.00
N SER A 179 9.02 -6.26 21.46
CA SER A 179 8.65 -6.37 20.05
C SER A 179 9.76 -5.76 19.20
N LYS A 180 10.53 -6.60 18.50
CA LYS A 180 11.71 -6.19 17.74
C LYS A 180 11.49 -6.48 16.24
N ARG A 181 11.01 -5.46 15.52
CA ARG A 181 10.54 -5.61 14.15
C ARG A 181 11.43 -4.80 13.20
N THR A 182 11.86 -5.43 12.10
CA THR A 182 12.83 -4.82 11.20
C THR A 182 12.23 -4.59 9.82
N GLY A 183 12.69 -3.54 9.16
CA GLY A 183 12.24 -3.26 7.81
C GLY A 183 13.07 -2.19 7.14
N MET A 184 12.51 -1.63 6.07
CA MET A 184 13.18 -0.64 5.25
C MET A 184 12.20 0.45 4.88
N VAL A 185 12.69 1.69 4.85
CA VAL A 185 11.94 2.82 4.32
C VAL A 185 12.01 2.76 2.80
N ILE A 186 10.85 2.66 2.14
CA ILE A 186 10.84 2.46 0.70
C ILE A 186 10.38 3.68 -0.12
N HIS A 187 9.70 4.64 0.49
N HIS A 187 9.69 4.65 0.49
CA HIS A 187 9.19 5.80 -0.25
CA HIS A 187 9.23 5.80 -0.26
C HIS A 187 8.94 6.95 0.72
C HIS A 187 8.94 6.95 0.70
N GLN A 188 9.08 8.17 0.20
CA GLN A 188 8.71 9.38 0.90
C GLN A 188 7.56 10.03 0.13
N VAL A 189 6.55 10.49 0.86
CA VAL A 189 5.40 11.14 0.23
C VAL A 189 5.77 12.58 -0.13
N GLU A 190 5.79 12.88 -1.42
CA GLU A 190 6.20 14.20 -1.88
C GLU A 190 5.32 15.29 -1.29
N ALA A 191 4.02 15.04 -1.18
CA ALA A 191 3.08 16.07 -0.72
C ALA A 191 3.12 16.29 0.79
N LYS A 192 3.72 15.37 1.55
CA LYS A 192 3.85 15.53 2.99
C LYS A 192 5.14 14.84 3.40
N PRO A 193 6.27 15.54 3.30
CA PRO A 193 7.58 14.87 3.34
C PRO A 193 7.96 14.25 4.68
N SER A 194 7.20 14.49 5.74
CA SER A 194 7.44 13.76 6.99
C SER A 194 6.79 12.39 6.98
N VAL A 195 6.06 12.06 5.91
CA VAL A 195 5.34 10.80 5.80
C VAL A 195 6.11 9.86 4.89
N TYR A 196 6.27 8.62 5.33
CA TYR A 196 7.04 7.61 4.63
C TYR A 196 6.27 6.29 4.56
N PHE A 197 6.64 5.49 3.57
CA PHE A 197 6.18 4.11 3.46
C PHE A 197 7.30 3.20 3.95
N ILE A 198 6.93 2.20 4.76
CA ILE A 198 7.88 1.21 5.29
C ILE A 198 7.40 -0.19 4.94
N LYS A 199 8.33 -1.03 4.50
CA LYS A 199 8.13 -2.46 4.29
C LYS A 199 8.85 -3.19 5.42
N PHE A 200 8.09 -3.85 6.28
CA PHE A 200 8.65 -4.70 7.32
C PHE A 200 8.91 -6.09 6.75
N ASP A 201 9.99 -6.72 7.22
CA ASP A 201 10.38 -8.03 6.73
C ASP A 201 9.36 -9.11 7.06
N ASP A 202 8.48 -8.88 8.04
CA ASP A 202 7.58 -9.93 8.52
C ASP A 202 6.18 -9.82 7.97
N ASP A 203 5.92 -8.92 7.02
CA ASP A 203 4.55 -8.75 6.55
C ASP A 203 4.55 -8.15 5.15
N PHE A 204 3.44 -8.35 4.45
CA PHE A 204 3.30 -7.90 3.07
C PHE A 204 2.47 -6.63 2.91
N HIS A 205 1.98 -6.02 3.99
CA HIS A 205 1.40 -4.69 3.86
C HIS A 205 2.51 -3.65 3.74
N ILE A 206 2.13 -2.46 3.28
CA ILE A 206 3.01 -1.30 3.24
C ILE A 206 2.54 -0.35 4.33
N TYR A 207 3.40 -0.08 5.31
CA TYR A 207 3.00 0.69 6.49
C TYR A 207 3.32 2.16 6.25
N VAL A 208 2.39 3.03 6.65
CA VAL A 208 2.52 4.47 6.42
C VAL A 208 2.67 5.15 7.77
N TYR A 209 3.68 6.02 7.89
CA TYR A 209 3.94 6.73 9.13
C TYR A 209 4.25 8.19 8.86
N ASP A 210 3.73 9.06 9.71
CA ASP A 210 4.16 10.46 9.80
C ASP A 210 5.14 10.54 10.97
N LEU A 211 6.42 10.79 10.66
CA LEU A 211 7.45 10.61 11.66
C LEU A 211 7.39 11.63 12.80
N VAL A 212 6.51 12.64 12.73
CA VAL A 212 6.38 13.57 13.86
C VAL A 212 5.33 13.13 14.87
N LYS A 213 4.57 12.08 14.57
CA LYS A 213 3.43 11.69 15.37
C LYS A 213 3.76 10.54 16.32
N THR A 214 2.88 10.37 17.30
CA THR A 214 3.02 9.31 18.29
C THR A 214 3.12 7.94 17.64
N SER A 215 2.38 7.72 16.56
CA SER A 215 2.40 6.41 15.90
C SER A 215 3.80 6.01 15.46
N ALA A 216 4.68 6.98 15.24
CA ALA A 216 6.04 6.71 14.79
C ALA A 216 7.08 6.76 15.89
N GLU A 217 6.70 6.99 17.14
CA GLU A 217 7.70 7.34 18.15
C GLU A 217 8.59 6.17 18.56
N ASN A 218 8.28 4.95 18.15
CA ASN A 218 9.14 3.81 18.45
C ASN A 218 9.90 3.34 17.24
N LEU A 219 9.89 4.11 16.15
CA LEU A 219 10.68 3.77 14.97
C LEU A 219 12.05 4.42 15.03
N TYR A 220 13.10 3.62 14.80
CA TYR A 220 14.48 4.09 14.81
C TYR A 220 15.14 3.63 13.50
N PHE A 221 16.12 4.41 13.04
CA PHE A 221 16.62 4.29 11.67
C PHE A 221 18.13 4.16 11.63
N GLN A 222 18.61 3.52 10.57
CA GLN A 222 20.03 3.33 10.35
C GLN A 222 20.36 3.42 8.87
C1 MPD B . -0.45 7.60 8.74
C2 MPD B . -0.57 9.13 8.53
O2 MPD B . -0.39 9.80 9.81
CM MPD B . 0.52 9.60 7.58
C3 MPD B . -1.93 9.56 7.98
C4 MPD B . -3.11 9.11 8.83
O4 MPD B . -3.04 9.72 10.10
C5 MPD B . -4.42 9.49 8.14
H11 MPD B . -1.38 7.12 8.44
H12 MPD B . -0.26 7.39 9.79
H13 MPD B . 0.37 7.22 8.14
HO2 MPD B . -1.17 10.37 10.00
HM1 MPD B . 0.06 10.12 6.74
HM2 MPD B . 1.07 8.74 7.21
HM3 MPD B . 1.19 10.27 8.11
H31 MPD B . -1.95 10.65 7.88
H32 MPD B . -2.04 9.15 6.97
H4 MPD B . -3.08 8.03 8.93
HO4 MPD B . -3.15 10.68 10.01
H51 MPD B . -4.99 10.14 8.80
H52 MPD B . -4.99 8.59 7.94
H53 MPD B . -4.19 10.01 7.21
C1 MPD C . -1.38 -13.28 0.38
C2 MPD C . -1.42 -12.29 -0.76
O2 MPD C . -0.36 -11.30 -0.54
CM MPD C . -1.08 -12.99 -2.07
C3 MPD C . -2.79 -11.63 -0.91
C4 MPD C . -3.23 -10.66 0.19
O4 MPD C . -4.48 -10.10 -0.18
C5 MPD C . -3.46 -11.24 1.57
H11 MPD C . -2.35 -13.32 0.86
H12 MPD C . -1.13 -14.27 -0.01
H13 MPD C . -0.63 -12.97 1.11
HO2 MPD C . -0.74 -10.41 -0.54
HM1 MPD C . -1.89 -12.85 -2.78
HM2 MPD C . -0.95 -14.06 -1.89
HM3 MPD C . -0.16 -12.57 -2.48
H31 MPD C . -2.79 -11.08 -1.85
H32 MPD C . -3.54 -12.41 -0.99
H4 MPD C . -2.48 -9.87 0.27
HO4 MPD C . -4.33 -9.24 -0.64
H51 MPD C . -4.49 -11.07 1.88
H52 MPD C . -3.27 -12.32 1.55
H53 MPD C . -2.78 -10.77 2.28
S DMS D . 19.76 1.02 -5.52
O DMS D . 19.48 -0.45 -5.49
C1 DMS D . 20.97 1.43 -4.24
C2 DMS D . 20.72 1.42 -7.01
H11 DMS D . 20.55 1.24 -3.28
H12 DMS D . 21.23 2.45 -4.31
H13 DMS D . 21.84 0.82 -4.37
H21 DMS D . 20.14 1.22 -7.87
H22 DMS D . 21.59 0.83 -7.03
H23 DMS D . 20.99 2.44 -6.98
S DMS E . -8.24 -3.90 9.87
O DMS E . -8.64 -2.88 10.90
C1 DMS E . -9.21 -3.62 8.36
C2 DMS E . -8.88 -5.52 10.35
H11 DMS E . -8.87 -4.27 7.60
H12 DMS E . -9.09 -2.62 8.05
H13 DMS E . -10.24 -3.81 8.56
H21 DMS E . -8.52 -6.25 9.66
H22 DMS E . -9.93 -5.50 10.33
H23 DMS E . -8.53 -5.76 11.32
N1 JC5 F . -16.17 2.97 -2.86
C4 JC5 F . -14.91 0.24 -1.42
C5 JC5 F . -14.73 1.62 -1.38
C6 JC5 F . -14.81 2.45 -2.66
C7 JC5 F . -14.38 2.22 -0.18
C8 JC5 F . -14.15 1.44 0.95
C10 JC5 F . -12.40 3.31 3.53
C13 JC5 F . -12.86 -0.57 5.72
C15 JC5 F . -13.35 -2.60 6.93
C17 JC5 F . -11.43 -2.50 5.50
N JC5 F . -13.86 -2.62 -1.34
C JC5 F . -15.05 -0.99 2.86
O JC5 F . -13.97 -0.73 1.96
C1 JC5 F . -14.29 0.05 0.88
C11 JC5 F . -11.42 2.19 3.85
C12 JC5 F . -12.99 0.84 5.24
C14 JC5 F . -13.66 -1.29 6.61
C16 JC5 F . -12.24 -3.20 6.38
C18 JC5 F . -11.73 -1.18 5.18
C19 JC5 F . -11.01 -0.24 4.25
C2 JC5 F . -14.69 -0.56 -0.31
C3 JC5 F . -14.84 -2.07 -0.41
C9 JC5 F . -13.04 3.17 2.18
N2 JC5 F . -12.04 0.86 4.04
O1 JC5 F . -13.75 1.92 2.16
H27 JC5 F . -16.43 3.67 -2.18
H11 JC5 F . -16.87 2.24 -2.89
H7 JC5 F . -15.23 -0.22 -2.36
H9 JC5 F . -14.11 3.29 -2.56
H8 JC5 F . -14.42 1.88 -3.50
H12 JC5 F . -14.29 3.30 -0.12
H15 JC5 F . -13.17 3.36 4.30
H16 JC5 F . -11.91 4.28 3.58
H22 JC5 F . -13.98 -3.15 7.62
H24 JC5 F . -10.54 -2.96 5.07
H5 JC5 F . -13.39 -3.47 -1.02
H6 JC5 F . -14.16 -2.68 -2.31
H2 JC5 F . -14.70 -1.48 3.78
H1 JC5 F . -15.69 -1.66 2.30
H JC5 F . -15.60 -0.09 3.14
H17 JC5 F . -10.81 2.50 4.70
H18 JC5 F . -10.72 2.09 3.03
H20 JC5 F . -12.75 1.54 6.03
H19 JC5 F . -13.98 1.08 4.88
H21 JC5 F . -14.54 -0.80 7.03
H23 JC5 F . -11.99 -4.23 6.63
H25 JC5 F . -10.06 0.07 4.68
H26 JC5 F . -10.79 -0.68 3.28
H3 JC5 F . -15.85 -2.29 -0.77
H4 JC5 F . -14.81 -2.53 0.58
H13 JC5 F . -13.72 4.00 1.97
H14 JC5 F . -12.30 3.17 1.38
N GLY G . -15.64 20.24 8.49
CA GLY G . -15.73 20.30 9.94
C GLY G . -17.15 20.53 10.43
O GLY G . -18.04 20.85 9.66
OXT GLY G . -17.43 20.43 11.63
H1 GLY G . -14.83 20.12 8.20
H2 GLY G . -15.96 21.05 8.12
H3 GLY G . -16.17 19.51 8.18
HA2 GLY G . -15.16 21.03 10.26
HA3 GLY G . -15.40 19.47 10.32
P PO4 H . 10.45 -12.79 2.18
O1 PO4 H . 10.00 -11.41 1.73
O2 PO4 H . 11.50 -12.66 3.24
O3 PO4 H . 9.26 -13.56 2.74
O4 PO4 H . 10.99 -13.54 0.99
C1 GOL I . 7.84 -10.41 21.74
O1 GOL I . 6.71 -10.84 21.04
C2 GOL I . 7.36 -9.82 23.08
O2 GOL I . 8.42 -9.39 23.87
C3 GOL I . 6.40 -8.64 22.71
O3 GOL I . 6.14 -7.93 23.88
H11 GOL I . 8.35 -9.73 21.25
H12 GOL I . 8.46 -11.14 21.89
HO1 GOL I . 6.52 -10.22 20.49
H2 GOL I . 6.90 -10.49 23.61
HO2 GOL I . 8.89 -8.86 23.40
H31 GOL I . 5.61 -9.01 22.29
H32 GOL I . 6.82 -8.09 22.03
HO3 GOL I . 5.38 -8.18 24.15
#